data_7MSY
#
_entry.id   7MSY
#
_cell.length_a   53.465
_cell.length_b   53.465
_cell.length_c   223.468
_cell.angle_alpha   90.000
_cell.angle_beta   90.000
_cell.angle_gamma   90.000
#
_symmetry.space_group_name_H-M   'P 43 21 2'
#
loop_
_entity.id
_entity.type
_entity.pdbx_description
1 polymer CalU17
2 non-polymer 'CALCIUM ION'
3 non-polymer GLYCEROL
4 non-polymer 'MAGNESIUM ION'
5 non-polymer 'CHLORIDE ION'
6 water water
#
_entity_poly.entity_id   1
_entity_poly.type   'polypeptide(L)'
_entity_poly.pdbx_seq_one_letter_code
;SMARIGDLDAARPAPEAVPGDMVRIPGGTFLQGSPERTLDWLDREGQAFPRDWFTDETPQIPVTLPDYLIDRHQVTVAQF
AAFVSRTGYVTSAERAGGSMVYGEQYWEIREGACWHRPAGYGSGIRGRDDHPVVHISFADAEAYARWAGRRLPTESEWER
AATGPSYRLWPWGDTWDSRNANTAEHTAGALGDLDAWRTWWGAIHAVQGPMPQTTPVGAFSPRGDSVDGCADMTGNVYEW
TSTLAHLYSPATRCDPTIHLVMGRSRVIRGGSWMNFRYQVRCAERLYGDPTGWSNFALGFRCARDVTAVPHVDDNGR
;
_entity_poly.pdbx_strand_id   A
#
loop_
_chem_comp.id
_chem_comp.type
_chem_comp.name
_chem_comp.formula
CA non-polymer 'CALCIUM ION' 'Ca 2'
CL non-polymer 'CHLORIDE ION' 'Cl -1'
GOL non-polymer GLYCEROL 'C3 H8 O3'
MG non-polymer 'MAGNESIUM ION' 'Mg 2'
#
# COMPACT_ATOMS: atom_id res chain seq x y z
N ALA A 17 -12.39 3.21 24.85
CA ALA A 17 -12.35 1.90 24.21
C ALA A 17 -11.71 2.00 22.84
N VAL A 18 -12.51 2.44 21.86
CA VAL A 18 -12.13 2.44 20.44
C VAL A 18 -11.64 3.82 20.00
N PRO A 19 -10.32 4.05 19.94
CA PRO A 19 -9.81 5.34 19.45
C PRO A 19 -10.58 5.92 18.28
N GLY A 20 -10.83 7.22 18.35
CA GLY A 20 -11.60 7.87 17.31
C GLY A 20 -10.98 7.78 15.93
N ASP A 21 -9.69 7.43 15.82
CA ASP A 21 -9.04 7.37 14.52
C ASP A 21 -8.89 5.95 14.01
N MET A 22 -9.53 5.00 14.68
CA MET A 22 -9.58 3.62 14.22
C MET A 22 -11.03 3.21 14.03
N VAL A 23 -11.19 2.07 13.39
CA VAL A 23 -12.50 1.46 13.22
C VAL A 23 -12.43 0.00 13.67
N ARG A 24 -13.56 -0.48 14.20
CA ARG A 24 -13.70 -1.85 14.67
C ARG A 24 -14.17 -2.75 13.53
N ILE A 25 -13.35 -3.74 13.21
CA ILE A 25 -13.69 -4.74 12.20
C ILE A 25 -14.33 -5.91 12.93
N PRO A 26 -15.61 -6.22 12.67
CA PRO A 26 -16.27 -7.31 13.40
C PRO A 26 -15.66 -8.67 13.10
N GLY A 27 -15.44 -9.44 14.17
CA GLY A 27 -15.04 -10.83 14.10
C GLY A 27 -15.83 -11.66 13.12
N GLY A 28 -15.22 -12.72 12.63
CA GLY A 28 -15.86 -13.60 11.67
C GLY A 28 -14.84 -14.40 10.89
N THR A 29 -15.37 -15.20 9.96
CA THR A 29 -14.54 -16.02 9.09
C THR A 29 -14.78 -15.55 7.65
N PHE A 30 -13.69 -15.19 6.96
CA PHE A 30 -13.77 -14.79 5.58
C PHE A 30 -12.84 -15.63 4.72
N LEU A 31 -13.02 -15.50 3.42
CA LEU A 31 -12.24 -16.19 2.40
C LEU A 31 -11.12 -15.27 1.93
N GLN A 32 -9.90 -15.53 2.38
CA GLN A 32 -8.78 -14.71 1.98
C GLN A 32 -8.32 -15.13 0.59
N GLY A 33 -8.01 -14.15 -0.25
CA GLY A 33 -7.52 -14.43 -1.57
C GLY A 33 -8.55 -14.19 -2.68
N SER A 34 -8.19 -14.70 -3.85
CA SER A 34 -8.98 -14.47 -5.04
C SER A 34 -9.36 -15.79 -5.68
N PRO A 35 -10.59 -15.91 -6.16
CA PRO A 35 -11.03 -17.17 -6.78
C PRO A 35 -10.50 -17.31 -8.19
N GLU A 36 -10.63 -18.54 -8.70
CA GLU A 36 -10.16 -18.86 -10.05
C GLU A 36 -10.81 -17.98 -11.11
N ARG A 37 -12.12 -17.76 -11.06
CA ARG A 37 -12.76 -16.95 -12.09
C ARG A 37 -12.19 -15.55 -12.13
N THR A 38 -11.72 -15.04 -11.00
CA THR A 38 -11.05 -13.74 -11.05
C THR A 38 -9.72 -13.84 -11.78
N LEU A 39 -8.89 -14.85 -11.46
CA LEU A 39 -7.66 -15.03 -12.25
C LEU A 39 -7.97 -15.21 -13.73
N ASP A 40 -8.97 -16.03 -14.07
CA ASP A 40 -9.30 -16.18 -15.48
C ASP A 40 -9.57 -14.82 -16.09
N TRP A 41 -10.31 -13.98 -15.37
CA TRP A 41 -10.69 -12.68 -15.87
C TRP A 41 -9.47 -11.76 -16.03
N LEU A 42 -8.48 -11.87 -15.14
CA LEU A 42 -7.26 -11.10 -15.32
C LEU A 42 -6.51 -11.53 -16.58
N ASP A 43 -6.56 -12.82 -16.91
CA ASP A 43 -6.02 -13.29 -18.18
C ASP A 43 -6.67 -12.56 -19.34
N ARG A 44 -8.00 -12.54 -19.34
CA ARG A 44 -8.77 -12.08 -20.49
C ARG A 44 -8.81 -10.56 -20.63
N GLU A 45 -8.56 -9.80 -19.57
CA GLU A 45 -8.59 -8.33 -19.67
C GLU A 45 -7.23 -7.81 -20.08
N GLY A 46 -6.66 -8.41 -21.13
CA GLY A 46 -5.48 -7.90 -21.81
C GLY A 46 -4.44 -7.33 -20.89
N GLN A 47 -4.37 -7.88 -19.69
CA GLN A 47 -3.35 -7.50 -18.72
C GLN A 47 -2.00 -8.08 -19.14
N ALA A 48 -0.96 -7.25 -19.03
CA ALA A 48 0.38 -7.69 -19.38
C ALA A 48 0.80 -8.90 -18.55
N PHE A 49 0.72 -8.76 -17.23
CA PHE A 49 1.26 -9.76 -16.31
C PHE A 49 0.63 -11.13 -16.57
N PRO A 50 1.44 -12.18 -16.69
CA PRO A 50 0.87 -13.51 -16.93
C PRO A 50 0.18 -14.07 -15.69
N ARG A 51 -0.48 -15.21 -15.88
CA ARG A 51 -1.29 -15.77 -14.81
C ARG A 51 -0.48 -15.95 -13.53
N ASP A 52 0.79 -16.35 -13.67
CA ASP A 52 1.54 -16.70 -12.48
C ASP A 52 1.97 -15.47 -11.70
N TRP A 53 1.65 -14.27 -12.20
CA TRP A 53 1.83 -13.10 -11.36
C TRP A 53 0.69 -12.89 -10.37
N PHE A 54 -0.44 -13.60 -10.52
CA PHE A 54 -1.53 -13.48 -9.57
C PHE A 54 -1.85 -14.75 -8.81
N THR A 55 -1.17 -15.85 -9.10
CA THR A 55 -1.50 -17.10 -8.43
C THR A 55 -1.17 -17.09 -6.95
N ASP A 56 -0.38 -16.11 -6.47
CA ASP A 56 -0.06 -16.07 -5.05
C ASP A 56 -1.24 -15.64 -4.21
N GLU A 57 -2.35 -15.25 -4.85
CA GLU A 57 -3.61 -14.97 -4.18
C GLU A 57 -4.47 -16.21 -4.06
N THR A 58 -3.96 -17.35 -4.48
CA THR A 58 -4.77 -18.54 -4.59
C THR A 58 -4.06 -19.67 -3.87
N PRO A 59 -4.80 -20.70 -3.45
CA PRO A 59 -6.28 -20.73 -3.50
C PRO A 59 -6.88 -19.91 -2.36
N GLN A 60 -8.16 -19.59 -2.46
CA GLN A 60 -8.80 -18.92 -1.35
C GLN A 60 -8.79 -19.83 -0.15
N ILE A 61 -8.69 -19.24 1.04
CA ILE A 61 -8.57 -20.03 2.26
C ILE A 61 -9.47 -19.42 3.33
N PRO A 62 -10.10 -20.25 4.16
CA PRO A 62 -10.92 -19.71 5.24
C PRO A 62 -9.99 -19.23 6.34
N VAL A 63 -10.13 -17.96 6.68
CA VAL A 63 -9.35 -17.33 7.74
C VAL A 63 -10.32 -16.79 8.77
N THR A 64 -10.13 -17.20 10.01
CA THR A 64 -10.95 -16.75 11.14
C THR A 64 -10.22 -15.65 11.93
N LEU A 65 -10.93 -14.55 12.19
CA LEU A 65 -10.37 -13.44 12.97
C LEU A 65 -11.34 -13.02 14.06
N PRO A 66 -10.83 -12.52 15.16
CA PRO A 66 -11.69 -11.87 16.15
C PRO A 66 -12.01 -10.44 15.69
N ASP A 67 -12.84 -9.76 16.48
CA ASP A 67 -12.91 -8.31 16.39
C ASP A 67 -11.50 -7.74 16.54
N TYR A 68 -11.23 -6.65 15.86
CA TYR A 68 -9.91 -6.03 15.94
C TYR A 68 -10.00 -4.62 15.37
N LEU A 69 -9.02 -3.79 15.72
CA LEU A 69 -9.04 -2.39 15.35
C LEU A 69 -8.05 -2.14 14.24
N ILE A 70 -8.39 -1.20 13.35
CA ILE A 70 -7.46 -0.82 12.29
C ILE A 70 -7.66 0.66 11.98
N ASP A 71 -6.55 1.35 11.73
CA ASP A 71 -6.60 2.78 11.41
C ASP A 71 -7.53 3.09 10.22
N ARG A 72 -8.26 4.18 10.35
CA ARG A 72 -9.03 4.68 9.23
C ARG A 72 -8.13 5.15 8.09
N HIS A 73 -7.06 5.85 8.43
CA HIS A 73 -6.20 6.44 7.42
C HIS A 73 -4.80 5.86 7.52
N GLN A 74 -4.05 6.00 6.44
CA GLN A 74 -2.59 5.81 6.48
C GLN A 74 -1.96 6.85 7.40
N VAL A 75 -0.81 6.48 7.98
CA VAL A 75 -0.04 7.41 8.83
C VAL A 75 0.39 8.61 7.98
N THR A 76 0.10 9.80 8.47
CA THR A 76 0.49 10.97 7.70
C THR A 76 1.89 11.43 8.05
N VAL A 77 2.43 12.24 7.16
CA VAL A 77 3.62 13.04 7.43
C VAL A 77 3.52 13.70 8.79
N ALA A 78 2.40 14.40 9.04
CA ALA A 78 2.32 15.15 10.29
C ALA A 78 2.42 14.23 11.49
N GLN A 79 1.79 13.06 11.42
CA GLN A 79 1.85 12.17 12.57
C GLN A 79 3.24 11.59 12.74
N PHE A 80 3.92 11.26 11.64
CA PHE A 80 5.24 10.67 11.76
C PHE A 80 6.22 11.69 12.30
N ALA A 81 6.05 12.95 11.88
CA ALA A 81 6.89 14.04 12.36
C ALA A 81 6.73 14.25 13.85
N ALA A 82 5.55 13.99 14.39
CA ALA A 82 5.38 14.07 15.83
C ALA A 82 6.17 12.97 16.50
N PHE A 83 6.12 11.77 15.93
CA PHE A 83 6.95 10.68 16.42
C PHE A 83 8.42 11.06 16.38
N VAL A 84 8.89 11.61 15.27
CA VAL A 84 10.31 11.92 15.13
C VAL A 84 10.69 13.08 16.05
N SER A 85 9.82 14.08 16.15
CA SER A 85 10.05 15.22 17.02
C SER A 85 10.24 14.79 18.46
N ARG A 86 9.36 13.96 18.98
CA ARG A 86 9.42 13.58 20.38
C ARG A 86 10.48 12.53 20.70
N THR A 87 10.86 11.67 19.74
CA THR A 87 11.75 10.54 20.07
C THR A 87 13.14 10.67 19.47
N GLY A 88 13.33 11.56 18.50
CA GLY A 88 14.62 11.62 17.86
C GLY A 88 14.84 10.53 16.85
N TYR A 89 13.82 9.72 16.58
CA TYR A 89 13.97 8.55 15.71
C TYR A 89 14.61 8.95 14.40
N VAL A 90 15.52 8.12 13.93
CA VAL A 90 16.20 8.30 12.65
C VAL A 90 15.76 7.14 11.76
N THR A 91 15.35 7.43 10.53
CA THR A 91 14.78 6.36 9.71
C THR A 91 15.86 5.63 8.95
N SER A 92 15.55 4.41 8.49
CA SER A 92 16.54 3.66 7.74
C SER A 92 17.11 4.50 6.60
N ALA A 93 16.25 5.28 5.95
CA ALA A 93 16.66 5.93 4.72
C ALA A 93 17.64 7.04 5.01
N GLU A 94 17.50 7.66 6.17
CA GLU A 94 18.42 8.71 6.56
C GLU A 94 19.78 8.16 6.92
N ARG A 95 19.81 7.03 7.64
CA ARG A 95 21.09 6.37 7.93
C ARG A 95 21.79 5.94 6.66
N ALA A 96 21.04 5.53 5.62
CA ALA A 96 21.69 5.07 4.40
C ALA A 96 22.12 6.20 3.49
N GLY A 97 21.55 7.38 3.65
CA GLY A 97 21.81 8.47 2.74
C GLY A 97 20.86 8.56 1.58
N GLY A 98 19.88 7.66 1.48
CA GLY A 98 19.05 7.64 0.30
C GLY A 98 17.95 6.63 0.40
N SER A 99 17.11 6.64 -0.62
CA SER A 99 15.97 5.75 -0.70
C SER A 99 15.56 5.71 -2.15
N MET A 100 14.55 4.87 -2.44
CA MET A 100 14.17 4.57 -3.81
C MET A 100 13.07 5.52 -4.33
N VAL A 101 13.26 6.04 -5.53
CA VAL A 101 12.19 6.69 -6.27
C VAL A 101 12.14 6.07 -7.66
N TYR A 102 10.96 6.09 -8.26
CA TYR A 102 10.82 5.60 -9.63
C TYR A 102 11.20 6.75 -10.55
N GLY A 103 12.19 6.54 -11.38
CA GLY A 103 12.74 7.59 -12.23
C GLY A 103 12.05 7.59 -13.59
N GLU A 104 12.75 8.15 -14.58
CA GLU A 104 12.23 8.11 -15.94
C GLU A 104 11.92 6.69 -16.40
N GLN A 105 12.80 5.74 -16.09
CA GLN A 105 12.68 4.39 -16.65
C GLN A 105 12.43 3.34 -15.59
N TYR A 106 13.29 3.23 -14.56
CA TYR A 106 13.15 2.20 -13.53
C TYR A 106 13.30 2.80 -12.13
N TRP A 107 13.12 1.94 -11.13
CA TRP A 107 13.45 2.29 -9.76
C TRP A 107 14.91 2.69 -9.65
N GLU A 108 15.16 3.75 -8.89
CA GLU A 108 16.50 4.29 -8.69
C GLU A 108 16.70 4.71 -7.24
N ILE A 109 17.94 4.66 -6.82
CA ILE A 109 18.32 5.14 -5.49
C ILE A 109 18.49 6.65 -5.57
N ARG A 110 17.84 7.38 -4.69
CA ARG A 110 17.89 8.85 -4.73
C ARG A 110 18.56 9.34 -3.46
N GLU A 111 19.70 10.02 -3.62
CA GLU A 111 20.42 10.53 -2.46
C GLU A 111 19.58 11.55 -1.69
N GLY A 112 19.52 11.36 -0.38
CA GLY A 112 18.71 12.22 0.46
C GLY A 112 17.24 11.91 0.50
N ALA A 113 16.74 11.02 -0.32
CA ALA A 113 15.33 10.71 -0.21
C ALA A 113 15.04 10.13 1.16
N CYS A 114 13.99 10.65 1.79
CA CYS A 114 13.52 10.19 3.09
C CYS A 114 12.18 10.85 3.32
N TRP A 115 11.59 10.60 4.49
CA TRP A 115 10.21 11.03 4.71
C TRP A 115 10.05 12.54 4.55
N HIS A 116 11.04 13.33 4.97
CA HIS A 116 10.94 14.77 4.83
C HIS A 116 11.61 15.30 3.57
N ARG A 117 12.24 14.46 2.77
N ARG A 117 12.25 14.46 2.77
CA ARG A 117 12.76 14.86 1.45
CA ARG A 117 12.77 14.86 1.46
C ARG A 117 12.27 13.85 0.44
C ARG A 117 12.27 13.84 0.45
N PRO A 118 10.96 13.84 0.15
CA PRO A 118 10.37 12.69 -0.55
C PRO A 118 10.93 12.47 -1.93
N ALA A 119 11.44 13.49 -2.58
CA ALA A 119 12.14 13.32 -3.85
C ALA A 119 13.64 13.48 -3.73
N GLY A 120 14.19 13.45 -2.52
CA GLY A 120 15.61 13.71 -2.36
C GLY A 120 15.91 15.15 -2.10
N TYR A 121 17.19 15.41 -1.84
CA TYR A 121 17.67 16.77 -1.63
C TYR A 121 17.11 17.67 -2.71
N GLY A 122 16.72 18.88 -2.32
CA GLY A 122 15.96 19.77 -3.17
C GLY A 122 14.46 19.62 -3.10
N SER A 123 13.92 18.64 -2.39
CA SER A 123 12.49 18.55 -2.15
C SER A 123 12.21 18.69 -0.67
N GLY A 124 10.92 18.79 -0.35
CA GLY A 124 10.44 18.95 1.00
C GLY A 124 8.96 18.64 1.00
N ILE A 125 8.37 18.71 2.20
CA ILE A 125 6.96 18.43 2.36
C ILE A 125 6.09 19.53 1.75
N ARG A 126 6.49 20.78 1.87
CA ARG A 126 5.77 21.85 1.17
C ARG A 126 4.27 21.85 1.51
N GLY A 127 3.96 21.77 2.79
CA GLY A 127 2.59 21.86 3.22
C GLY A 127 1.72 20.63 2.98
N ARG A 128 2.26 19.56 2.40
CA ARG A 128 1.49 18.34 2.20
C ARG A 128 1.57 17.40 3.40
N ASP A 129 1.32 17.90 4.60
CA ASP A 129 1.50 17.05 5.78
C ASP A 129 0.29 16.19 6.11
N ASP A 130 -0.81 16.31 5.36
CA ASP A 130 -1.93 15.40 5.51
C ASP A 130 -1.82 14.24 4.53
N HIS A 131 -0.81 14.25 3.67
CA HIS A 131 -0.55 13.06 2.86
C HIS A 131 0.08 11.93 3.69
N PRO A 132 -0.01 10.71 3.19
CA PRO A 132 0.64 9.60 3.87
C PRO A 132 2.14 9.79 3.84
N VAL A 133 2.79 9.43 4.94
CA VAL A 133 4.26 9.46 4.95
C VAL A 133 4.82 8.27 4.16
N VAL A 134 5.90 8.53 3.44
CA VAL A 134 6.63 7.56 2.63
C VAL A 134 8.10 7.42 3.03
N HIS A 135 8.83 6.62 2.25
CA HIS A 135 10.22 6.26 2.56
C HIS A 135 10.33 5.69 3.97
N ILE A 136 9.28 4.98 4.35
CA ILE A 136 9.22 4.25 5.61
C ILE A 136 9.67 2.83 5.36
N SER A 137 10.68 2.40 6.10
CA SER A 137 11.11 1.01 6.10
C SER A 137 10.19 0.17 6.97
N PHE A 138 10.39 -1.14 6.88
CA PHE A 138 9.65 -2.04 7.74
C PHE A 138 9.94 -1.72 9.20
N ALA A 139 11.20 -1.44 9.53
CA ALA A 139 11.55 -1.10 10.91
C ALA A 139 11.05 0.28 11.33
N ASP A 140 11.12 1.28 10.42
CA ASP A 140 10.47 2.57 10.70
C ASP A 140 9.01 2.38 11.06
N ALA A 141 8.33 1.47 10.35
CA ALA A 141 6.90 1.27 10.58
C ALA A 141 6.65 0.59 11.91
N GLU A 142 7.42 -0.45 12.22
CA GLU A 142 7.26 -1.14 13.49
C GLU A 142 7.56 -0.21 14.66
N ALA A 143 8.58 0.65 14.53
CA ALA A 143 8.91 1.58 15.60
C ALA A 143 7.79 2.61 15.83
N TYR A 144 7.22 3.16 14.77
CA TYR A 144 6.17 4.14 15.01
C TYR A 144 4.96 3.48 15.69
N ALA A 145 4.59 2.28 15.25
CA ALA A 145 3.45 1.61 15.86
C ALA A 145 3.68 1.32 17.33
N ARG A 146 4.87 0.83 17.71
CA ARG A 146 5.19 0.64 19.12
C ARG A 146 4.94 1.92 19.92
N TRP A 147 5.62 2.99 19.52
CA TRP A 147 5.46 4.30 20.15
C TRP A 147 4.00 4.67 20.31
N ALA A 148 3.19 4.43 19.28
CA ALA A 148 1.78 4.77 19.38
C ALA A 148 1.00 3.81 20.27
N GLY A 149 1.63 2.76 20.79
CA GLY A 149 0.86 1.77 21.51
C GLY A 149 0.03 0.90 20.61
N ARG A 150 0.43 0.73 19.36
CA ARG A 150 -0.27 -0.14 18.43
C ARG A 150 0.71 -1.09 17.73
N ARG A 151 0.37 -1.52 16.52
CA ARG A 151 1.18 -2.48 15.79
C ARG A 151 0.81 -2.36 14.33
N LEU A 152 1.58 -3.05 13.49
CA LEU A 152 1.14 -3.20 12.12
C LEU A 152 -0.03 -4.17 12.06
N PRO A 153 -0.87 -4.03 11.03
CA PRO A 153 -1.83 -5.08 10.73
C PRO A 153 -1.14 -6.28 10.09
N THR A 154 -1.64 -7.48 10.40
CA THR A 154 -1.30 -8.64 9.59
C THR A 154 -1.93 -8.53 8.21
N GLU A 155 -1.45 -9.35 7.27
CA GLU A 155 -2.03 -9.30 5.93
C GLU A 155 -3.51 -9.69 5.96
N SER A 156 -3.85 -10.70 6.76
CA SER A 156 -5.23 -11.09 6.91
C SER A 156 -6.08 -9.93 7.43
N GLU A 157 -5.62 -9.25 8.47
CA GLU A 157 -6.35 -8.11 9.01
C GLU A 157 -6.53 -7.03 7.95
N TRP A 158 -5.46 -6.73 7.23
CA TRP A 158 -5.53 -5.78 6.16
C TRP A 158 -6.55 -6.17 5.11
N GLU A 159 -6.50 -7.42 4.60
CA GLU A 159 -7.40 -7.73 3.48
C GLU A 159 -8.85 -7.77 3.92
N ARG A 160 -9.12 -8.40 5.06
CA ARG A 160 -10.47 -8.35 5.63
C ARG A 160 -11.00 -6.91 5.70
N ALA A 161 -10.19 -5.99 6.23
CA ALA A 161 -10.62 -4.61 6.39
C ALA A 161 -10.91 -3.98 5.05
N ALA A 162 -10.27 -4.46 3.99
CA ALA A 162 -10.42 -3.87 2.67
C ALA A 162 -11.60 -4.41 1.90
N THR A 163 -11.76 -5.73 1.90
CA THR A 163 -12.76 -6.38 1.09
C THR A 163 -14.14 -6.44 1.78
N GLY A 164 -14.20 -6.36 3.09
CA GLY A 164 -15.45 -6.55 3.77
C GLY A 164 -15.64 -8.00 4.13
N PRO A 165 -16.79 -8.34 4.71
CA PRO A 165 -17.00 -9.73 5.13
C PRO A 165 -17.31 -10.71 4.00
N SER A 166 -17.39 -10.25 2.75
CA SER A 166 -17.52 -11.17 1.63
C SER A 166 -16.63 -10.66 0.53
N TYR A 167 -16.41 -11.52 -0.46
CA TYR A 167 -15.37 -11.25 -1.45
C TYR A 167 -15.81 -10.17 -2.42
N ARG A 168 -14.88 -9.25 -2.70
CA ARG A 168 -15.08 -8.28 -3.75
C ARG A 168 -13.73 -7.77 -4.23
N LEU A 169 -13.70 -7.41 -5.50
CA LEU A 169 -12.48 -7.00 -6.15
C LEU A 169 -11.86 -5.77 -5.48
N TRP A 170 -12.64 -4.67 -5.37
CA TRP A 170 -12.17 -3.44 -4.77
C TRP A 170 -13.01 -3.16 -3.52
N PRO A 171 -12.61 -2.21 -2.65
CA PRO A 171 -13.36 -2.02 -1.40
C PRO A 171 -14.79 -1.53 -1.61
N TRP A 172 -15.09 -0.89 -2.73
CA TRP A 172 -16.42 -0.35 -2.96
C TRP A 172 -17.31 -1.28 -3.76
N GLY A 173 -16.77 -2.36 -4.28
CA GLY A 173 -17.54 -3.32 -5.03
C GLY A 173 -16.72 -3.85 -6.18
N ASP A 174 -17.42 -4.45 -7.16
CA ASP A 174 -16.76 -5.12 -8.26
C ASP A 174 -16.75 -4.31 -9.55
N THR A 175 -17.32 -3.12 -9.54
CA THR A 175 -17.32 -2.25 -10.71
C THR A 175 -16.28 -1.15 -10.55
N TRP A 176 -15.36 -1.07 -11.50
CA TRP A 176 -14.29 -0.08 -11.37
C TRP A 176 -14.81 1.32 -11.62
N ASP A 177 -14.29 2.26 -10.82
CA ASP A 177 -14.57 3.69 -10.96
C ASP A 177 -13.27 4.43 -10.61
N SER A 178 -12.62 5.01 -11.63
CA SER A 178 -11.37 5.72 -11.43
C SER A 178 -11.53 6.94 -10.50
N ARG A 179 -12.75 7.39 -10.23
CA ARG A 179 -12.91 8.53 -9.33
C ARG A 179 -12.83 8.15 -7.87
N ASN A 180 -12.84 6.87 -7.53
CA ASN A 180 -12.96 6.45 -6.14
C ASN A 180 -11.63 6.32 -5.41
N ALA A 181 -10.49 6.61 -6.02
CA ALA A 181 -9.20 6.38 -5.35
C ALA A 181 -8.07 7.01 -6.18
N ASN A 182 -6.92 7.15 -5.54
CA ASN A 182 -5.75 7.74 -6.17
C ASN A 182 -4.94 6.67 -6.89
N THR A 183 -5.16 6.53 -8.20
CA THR A 183 -4.42 5.57 -9.00
C THR A 183 -4.12 6.20 -10.34
N ALA A 184 -3.31 5.49 -11.11
CA ALA A 184 -2.95 5.99 -12.42
C ALA A 184 -4.10 5.88 -13.40
N GLU A 185 -5.17 5.19 -13.03
CA GLU A 185 -6.37 5.17 -13.90
C GLU A 185 -6.96 6.57 -14.02
N HIS A 186 -6.88 7.37 -12.95
CA HIS A 186 -7.42 8.72 -13.03
C HIS A 186 -6.63 9.57 -14.00
N THR A 187 -5.32 9.55 -13.85
CA THR A 187 -4.45 10.44 -14.62
C THR A 187 -4.42 10.08 -16.08
N ALA A 188 -4.29 8.77 -16.38
CA ALA A 188 -4.41 8.32 -17.76
C ALA A 188 -5.79 8.62 -18.34
N GLY A 189 -6.85 8.40 -17.57
CA GLY A 189 -8.17 8.80 -18.05
C GLY A 189 -8.26 10.28 -18.41
N ALA A 190 -7.64 11.13 -17.57
CA ALA A 190 -7.66 12.57 -17.83
C ALA A 190 -6.85 12.96 -19.06
N LEU A 191 -5.76 12.22 -19.37
CA LEU A 191 -4.90 12.56 -20.51
C LEU A 191 -5.38 11.96 -21.82
N GLY A 192 -6.24 10.94 -21.77
CA GLY A 192 -7.11 10.57 -22.88
C GLY A 192 -6.81 9.23 -23.49
N ASP A 193 -5.60 8.72 -23.29
CA ASP A 193 -5.14 7.47 -23.88
C ASP A 193 -3.90 7.07 -23.12
N LEU A 194 -3.43 5.86 -23.37
CA LEU A 194 -2.28 5.37 -22.63
C LEU A 194 -0.99 5.93 -23.23
N ASP A 195 -0.97 6.22 -24.54
CA ASP A 195 0.13 6.97 -25.13
C ASP A 195 0.40 8.25 -24.31
N ALA A 196 -0.62 9.10 -24.16
CA ALA A 196 -0.41 10.43 -23.57
C ALA A 196 0.00 10.33 -22.11
N TRP A 197 -0.41 9.26 -21.43
CA TRP A 197 0.05 9.05 -20.07
C TRP A 197 1.53 8.68 -20.02
N ARG A 198 2.02 7.89 -20.98
CA ARG A 198 3.44 7.61 -20.99
C ARG A 198 4.24 8.86 -21.33
N THR A 199 3.78 9.62 -22.32
CA THR A 199 4.46 10.86 -22.66
C THR A 199 4.48 11.82 -21.48
N TRP A 200 3.40 11.85 -20.70
CA TRP A 200 3.36 12.69 -19.51
C TRP A 200 4.37 12.20 -18.49
N TRP A 201 4.33 10.91 -18.15
CA TRP A 201 5.26 10.35 -17.17
C TRP A 201 6.69 10.74 -17.52
N GLY A 202 7.03 10.71 -18.81
CA GLY A 202 8.31 11.19 -19.26
C GLY A 202 8.60 12.60 -18.83
N ALA A 203 7.70 13.52 -19.23
CA ALA A 203 7.99 14.94 -19.14
C ALA A 203 8.03 15.45 -17.70
N ILE A 204 7.29 14.79 -16.79
CA ILE A 204 7.35 15.18 -15.39
C ILE A 204 8.65 14.68 -14.74
N HIS A 205 9.03 13.43 -15.00
CA HIS A 205 10.11 12.77 -14.29
C HIS A 205 11.48 13.10 -14.87
N ALA A 206 11.50 13.86 -15.96
CA ALA A 206 12.74 14.36 -16.54
C ALA A 206 13.26 15.47 -15.64
N VAL A 207 14.07 15.09 -14.63
CA VAL A 207 14.44 15.99 -13.53
C VAL A 207 13.19 16.71 -13.06
N GLN A 208 12.92 17.89 -13.64
CA GLN A 208 11.68 18.64 -13.47
C GLN A 208 11.10 18.58 -12.05
N GLY A 209 11.95 18.33 -11.04
CA GLY A 209 11.51 18.14 -9.68
C GLY A 209 10.16 17.47 -9.59
N PRO A 210 10.14 16.11 -9.51
CA PRO A 210 8.85 15.40 -9.66
C PRO A 210 7.82 15.71 -8.58
N MET A 211 6.77 16.45 -8.97
CA MET A 211 5.66 16.76 -8.06
C MET A 211 5.13 15.48 -7.41
N PRO A 212 4.98 15.43 -6.08
CA PRO A 212 4.40 14.24 -5.47
C PRO A 212 3.02 13.92 -6.03
N GLN A 213 2.71 12.64 -6.01
CA GLN A 213 1.45 12.17 -6.55
C GLN A 213 0.63 11.47 -5.49
N THR A 214 1.02 11.62 -4.23
CA THR A 214 0.16 11.20 -3.14
C THR A 214 -0.98 12.19 -2.98
N THR A 215 -1.97 11.81 -2.19
CA THR A 215 -3.15 12.62 -1.94
C THR A 215 -3.43 12.60 -0.45
N PRO A 216 -4.09 13.62 0.08
CA PRO A 216 -4.34 13.61 1.52
C PRO A 216 -5.15 12.37 1.91
N VAL A 217 -4.82 11.80 3.08
CA VAL A 217 -5.60 10.67 3.56
C VAL A 217 -7.04 11.08 3.70
N GLY A 218 -7.93 10.19 3.26
CA GLY A 218 -9.35 10.37 3.32
C GLY A 218 -9.91 11.28 2.26
N ALA A 219 -9.11 11.63 1.26
CA ALA A 219 -9.57 12.53 0.21
C ALA A 219 -10.72 11.95 -0.61
N PHE A 220 -10.76 10.62 -0.80
CA PHE A 220 -11.82 10.01 -1.59
C PHE A 220 -12.87 9.38 -0.70
N SER A 221 -12.95 9.82 0.55
CA SER A 221 -14.03 9.33 1.38
C SER A 221 -15.26 10.16 1.13
N PRO A 222 -16.45 9.56 1.20
CA PRO A 222 -16.65 8.15 1.55
C PRO A 222 -16.76 7.19 0.36
N ARG A 223 -16.76 7.68 -0.88
CA ARG A 223 -17.05 6.78 -2.01
C ARG A 223 -16.03 5.65 -2.13
N GLY A 224 -14.74 5.95 -1.91
CA GLY A 224 -13.72 4.91 -2.01
C GLY A 224 -13.57 4.04 -0.77
N ASP A 225 -14.29 4.33 0.31
CA ASP A 225 -14.03 3.67 1.57
C ASP A 225 -14.42 2.21 1.52
N SER A 226 -13.81 1.42 2.40
CA SER A 226 -14.21 0.04 2.60
C SER A 226 -15.48 -0.01 3.42
N VAL A 227 -16.09 -1.19 3.44
CA VAL A 227 -17.39 -1.37 4.09
C VAL A 227 -17.32 -0.95 5.56
N ASP A 228 -16.21 -1.19 6.22
CA ASP A 228 -16.11 -0.93 7.66
C ASP A 228 -15.60 0.45 7.96
N GLY A 229 -15.22 1.23 6.94
CA GLY A 229 -14.85 2.60 7.13
C GLY A 229 -13.42 2.94 6.80
N CYS A 230 -12.58 2.01 6.40
CA CYS A 230 -11.20 2.34 6.09
C CYS A 230 -11.13 3.12 4.80
N ALA A 231 -10.34 4.20 4.80
CA ALA A 231 -10.12 5.01 3.61
C ALA A 231 -8.81 4.64 2.95
N ASP A 232 -8.74 4.89 1.64
CA ASP A 232 -7.50 4.71 0.87
C ASP A 232 -6.93 3.30 0.99
N MET A 233 -7.77 2.27 1.14
CA MET A 233 -7.26 0.91 1.06
C MET A 233 -6.92 0.52 -0.37
N THR A 234 -7.10 1.46 -1.29
CA THR A 234 -6.80 1.32 -2.72
C THR A 234 -5.97 2.49 -3.16
N GLY A 235 -4.84 2.20 -3.81
CA GLY A 235 -4.04 3.29 -4.34
C GLY A 235 -3.40 4.14 -3.24
N ASN A 236 -3.07 5.39 -3.62
CA ASN A 236 -2.25 6.36 -2.85
C ASN A 236 -0.87 5.78 -2.59
N VAL A 237 -0.67 5.05 -1.48
CA VAL A 237 0.64 4.42 -1.23
C VAL A 237 0.46 2.95 -0.87
N TYR A 238 1.50 2.19 -1.19
CA TYR A 238 1.71 0.84 -0.68
C TYR A 238 1.77 0.86 0.84
N GLU A 239 1.34 -0.25 1.48
CA GLU A 239 1.30 -0.31 2.95
C GLU A 239 1.92 -1.60 3.46
N TRP A 240 2.82 -1.46 4.43
CA TRP A 240 3.42 -2.61 5.10
C TRP A 240 2.37 -3.37 5.91
N THR A 241 2.47 -4.70 5.88
CA THR A 241 1.87 -5.54 6.89
C THR A 241 2.99 -6.21 7.67
N SER A 242 2.62 -6.77 8.82
CA SER A 242 3.58 -7.51 9.62
C SER A 242 3.82 -8.91 9.08
N THR A 243 3.07 -9.35 8.07
CA THR A 243 3.06 -10.75 7.69
C THR A 243 4.28 -11.14 6.85
N LEU A 244 4.88 -12.25 7.22
CA LEU A 244 5.97 -12.81 6.45
C LEU A 244 5.43 -13.52 5.22
N ALA A 245 5.95 -13.17 4.04
CA ALA A 245 5.51 -13.77 2.78
C ALA A 245 5.38 -15.28 2.89
N HIS A 246 4.21 -15.79 2.54
CA HIS A 246 3.95 -17.21 2.59
C HIS A 246 2.89 -17.53 1.55
N LEU A 247 2.83 -18.80 1.13
CA LEU A 247 1.86 -19.25 0.16
C LEU A 247 0.58 -19.68 0.86
N TYR A 248 -0.55 -19.47 0.18
CA TYR A 248 -1.79 -19.91 0.77
C TYR A 248 -1.90 -21.45 0.74
N SER A 249 -1.14 -22.12 -0.13
CA SER A 249 -1.04 -23.57 -0.10
C SER A 249 0.34 -24.02 -0.59
N PRO A 250 0.85 -25.15 -0.11
CA PRO A 250 2.20 -25.58 -0.54
C PRO A 250 2.31 -25.91 -2.02
N ALA A 251 1.20 -26.11 -2.72
CA ALA A 251 1.24 -26.44 -4.13
C ALA A 251 1.07 -25.24 -5.05
N THR A 252 0.73 -24.07 -4.51
CA THR A 252 0.61 -22.88 -5.35
C THR A 252 1.92 -22.70 -6.10
N ARG A 253 1.83 -22.34 -7.38
CA ARG A 253 3.02 -22.09 -8.19
C ARG A 253 2.89 -20.73 -8.86
N CYS A 254 3.84 -19.84 -8.59
CA CYS A 254 3.89 -18.48 -9.10
C CYS A 254 5.17 -18.25 -9.89
N ASP A 255 5.31 -17.01 -10.37
CA ASP A 255 6.52 -16.60 -11.04
C ASP A 255 7.71 -16.79 -10.11
N PRO A 256 8.81 -17.39 -10.59
CA PRO A 256 9.97 -17.65 -9.73
C PRO A 256 10.40 -16.49 -8.85
N THR A 257 10.35 -15.25 -9.35
CA THR A 257 10.77 -14.14 -8.49
C THR A 257 9.90 -14.01 -7.25
N ILE A 258 8.73 -14.64 -7.25
CA ILE A 258 7.85 -14.60 -6.08
C ILE A 258 8.19 -15.69 -5.08
N HIS A 259 8.50 -16.91 -5.52
CA HIS A 259 9.01 -17.89 -4.57
C HIS A 259 10.32 -17.43 -3.94
N LEU A 260 11.15 -16.68 -4.68
CA LEU A 260 12.44 -16.27 -4.17
C LEU A 260 12.30 -15.44 -2.90
N VAL A 261 11.22 -14.66 -2.77
CA VAL A 261 11.03 -13.84 -1.57
C VAL A 261 10.13 -14.50 -0.54
N MET A 262 9.52 -15.63 -0.87
CA MET A 262 8.74 -16.33 0.14
C MET A 262 9.60 -16.64 1.36
N GLY A 263 9.02 -16.38 2.53
CA GLY A 263 9.66 -16.68 3.79
C GLY A 263 10.68 -15.68 4.25
N ARG A 264 10.85 -14.55 3.55
CA ARG A 264 11.81 -13.56 4.01
C ARG A 264 11.32 -12.13 3.81
N SER A 265 10.64 -11.82 2.72
CA SER A 265 10.04 -10.50 2.60
C SER A 265 8.77 -10.39 3.43
N ARG A 266 8.41 -9.15 3.76
CA ARG A 266 7.14 -8.84 4.38
C ARG A 266 6.14 -8.44 3.30
N VAL A 267 4.87 -8.75 3.55
CA VAL A 267 3.80 -8.50 2.59
C VAL A 267 3.51 -7.01 2.59
N ILE A 268 3.38 -6.45 1.39
CA ILE A 268 2.99 -5.07 1.18
C ILE A 268 1.65 -5.06 0.46
N ARG A 269 0.74 -4.19 0.90
CA ARG A 269 -0.60 -4.21 0.35
C ARG A 269 -1.03 -2.86 -0.19
N GLY A 270 -2.03 -2.95 -1.09
CA GLY A 270 -2.95 -1.89 -1.42
C GLY A 270 -2.62 -1.13 -2.68
N GLY A 271 -1.46 -1.40 -3.30
CA GLY A 271 -1.10 -0.66 -4.47
C GLY A 271 -0.86 0.80 -4.16
N SER A 272 -0.58 1.59 -5.18
CA SER A 272 -0.07 2.93 -4.99
C SER A 272 -0.62 3.81 -6.10
N TRP A 273 -0.31 5.08 -5.99
CA TRP A 273 -0.73 6.04 -7.02
C TRP A 273 -0.23 5.65 -8.41
N MET A 274 0.82 4.83 -8.48
CA MET A 274 1.41 4.46 -9.76
C MET A 274 0.68 3.30 -10.46
N ASN A 275 -0.16 2.58 -9.76
CA ASN A 275 -0.75 1.35 -10.29
C ASN A 275 -2.04 1.59 -11.06
N PHE A 276 -2.31 0.67 -12.00
CA PHE A 276 -3.63 0.55 -12.60
C PHE A 276 -4.51 -0.43 -11.81
N ARG A 277 -5.73 -0.65 -12.32
CA ARG A 277 -6.79 -1.19 -11.48
C ARG A 277 -6.51 -2.61 -11.00
N TYR A 278 -5.76 -3.41 -11.76
CA TYR A 278 -5.62 -4.81 -11.39
C TYR A 278 -4.58 -5.01 -10.29
N GLN A 279 -3.70 -4.04 -10.10
CA GLN A 279 -2.71 -4.12 -9.04
C GLN A 279 -3.09 -3.34 -7.78
N VAL A 280 -4.35 -2.89 -7.67
CA VAL A 280 -4.79 -2.24 -6.43
C VAL A 280 -6.04 -2.90 -5.86
N ARG A 281 -6.35 -4.12 -6.30
CA ARG A 281 -7.48 -4.86 -5.73
C ARG A 281 -7.20 -5.19 -4.27
N CYS A 282 -8.28 -5.45 -3.52
CA CYS A 282 -8.13 -5.85 -2.12
C CYS A 282 -7.20 -7.04 -1.92
N ALA A 283 -7.24 -8.02 -2.82
CA ALA A 283 -6.52 -9.27 -2.58
C ALA A 283 -5.10 -9.24 -3.12
N GLU A 284 -4.72 -8.18 -3.84
CA GLU A 284 -3.41 -8.16 -4.48
C GLU A 284 -2.33 -8.19 -3.42
N ARG A 285 -1.32 -9.01 -3.67
CA ARG A 285 -0.17 -9.16 -2.79
C ARG A 285 1.06 -8.57 -3.46
N LEU A 286 1.81 -7.79 -2.69
CA LEU A 286 3.14 -7.35 -3.05
C LEU A 286 4.05 -7.74 -1.91
N TYR A 287 5.36 -7.58 -2.12
CA TYR A 287 6.33 -8.01 -1.12
C TYR A 287 7.48 -7.00 -1.03
N GLY A 288 7.97 -6.82 0.18
CA GLY A 288 9.08 -5.91 0.34
C GLY A 288 10.13 -6.42 1.31
N ASP A 289 11.39 -6.09 0.97
CA ASP A 289 12.56 -6.40 1.78
C ASP A 289 12.49 -5.65 3.11
N PRO A 290 12.42 -6.34 4.24
CA PRO A 290 12.22 -5.65 5.51
C PRO A 290 13.48 -5.15 6.20
N THR A 291 14.63 -5.08 5.51
CA THR A 291 15.88 -4.75 6.19
C THR A 291 16.42 -3.40 5.79
N GLY A 292 15.63 -2.35 5.93
CA GLY A 292 16.08 -1.02 5.60
C GLY A 292 15.88 -0.62 4.16
N TRP A 293 14.95 -1.24 3.45
CA TRP A 293 14.55 -0.82 2.13
C TRP A 293 13.28 0.00 2.29
N SER A 294 13.15 1.04 1.46
CA SER A 294 11.98 1.92 1.48
C SER A 294 11.84 2.53 0.09
N ASN A 295 10.72 3.21 -0.17
CA ASN A 295 10.58 3.92 -1.44
C ASN A 295 9.55 5.03 -1.28
N PHE A 296 9.49 5.91 -2.29
CA PHE A 296 8.70 7.13 -2.20
C PHE A 296 7.20 6.89 -2.35
N ALA A 297 6.79 5.63 -2.48
CA ALA A 297 5.38 5.31 -2.65
C ALA A 297 4.87 4.35 -1.59
N LEU A 298 5.59 4.19 -0.50
CA LEU A 298 5.32 3.10 0.43
C LEU A 298 5.25 3.67 1.84
N GLY A 299 4.08 3.56 2.43
CA GLY A 299 3.85 3.94 3.81
C GLY A 299 3.22 2.80 4.57
N PHE A 300 2.24 3.14 5.43
CA PHE A 300 1.64 2.17 6.35
C PHE A 300 0.53 2.82 7.14
N ARG A 301 -0.25 1.97 7.81
CA ARG A 301 -1.18 2.35 8.85
C ARG A 301 -1.06 1.31 9.96
N CYS A 302 -1.71 1.54 11.08
CA CYS A 302 -1.58 0.69 12.24
C CYS A 302 -2.86 -0.07 12.53
N ALA A 303 -2.73 -1.08 13.39
CA ALA A 303 -3.87 -1.84 13.91
C ALA A 303 -3.63 -2.07 15.38
N ARG A 304 -4.55 -2.80 16.01
CA ARG A 304 -4.47 -3.07 17.44
C ARG A 304 -5.55 -4.05 17.84
N ASP A 305 -5.22 -4.93 18.78
CA ASP A 305 -6.23 -5.74 19.43
C ASP A 305 -7.25 -4.83 20.12
N VAL A 306 -8.44 -5.35 20.37
CA VAL A 306 -9.43 -4.54 21.10
C VAL A 306 -8.95 -4.25 22.51
N THR A 307 -8.12 -5.12 23.09
CA THR A 307 -7.61 -4.94 24.45
C THR A 307 -6.09 -5.13 24.39
N ALA A 308 -5.35 -4.03 24.45
CA ALA A 308 -3.89 -4.06 24.50
C ALA A 308 -3.35 -5.23 25.31
CA CA B . 0.65 -9.13 -6.86
C1 GOL C . -3.99 -13.90 -21.54
O1 GOL C . -3.97 -15.29 -21.62
C2 GOL C . -2.73 -13.41 -20.79
O2 GOL C . -2.54 -14.04 -19.58
C3 GOL C . -2.93 -11.90 -20.61
O3 GOL C . -1.65 -11.34 -20.55
H11 GOL C . -4.77 -13.57 -21.07
H12 GOL C . -4.02 -13.48 -22.42
H2 GOL C . -1.93 -13.60 -21.32
HO2 GOL C . -2.04 -13.55 -19.10
H31 GOL C . -3.47 -11.73 -19.82
H32 GOL C . -3.45 -11.55 -21.36
C1 GOL D . -8.76 15.33 3.38
O1 GOL D . -9.45 14.11 3.58
C2 GOL D . -7.76 15.62 4.60
O2 GOL D . -7.12 16.87 4.50
C3 GOL D . -8.61 15.51 5.92
O3 GOL D . -8.71 16.83 6.41
H11 GOL D . -9.38 16.07 3.30
H12 GOL D . -8.25 15.32 2.56
HO1 GOL D . -8.95 13.51 3.26
H2 GOL D . -7.07 14.94 4.58
HO2 GOL D . -6.65 16.98 5.20
H31 GOL D . -8.16 14.90 6.54
H32 GOL D . -9.47 15.10 5.73
HO3 GOL D . -8.87 17.33 5.74
C1 GOL E . -15.22 -8.58 -13.15
O1 GOL E . -15.93 -7.35 -13.01
C2 GOL E . -16.24 -9.73 -12.88
O2 GOL E . -17.00 -10.01 -14.01
C3 GOL E . -15.38 -10.99 -12.35
O3 GOL E . -15.57 -12.09 -13.25
H11 GOL E . -14.48 -8.65 -12.52
H12 GOL E . -14.84 -8.69 -14.03
HO1 GOL E . -15.35 -6.73 -13.10
H2 GOL E . -16.88 -9.48 -12.19
HO2 GOL E . -16.53 -9.79 -14.70
H31 GOL E . -15.66 -11.18 -11.44
H32 GOL E . -14.46 -10.72 -12.28
HO3 GOL E . -15.76 -12.77 -12.76
C1 GOL F . -4.25 20.97 1.26
O1 GOL F . -4.88 19.72 1.17
C2 GOL F . -2.94 20.84 2.16
O2 GOL F . -2.32 19.55 2.12
C3 GOL F . -1.99 21.96 1.65
O3 GOL F . -1.67 21.68 0.31
H11 GOL F . -4.81 21.66 1.64
H12 GOL F . -3.98 21.30 0.38
HO1 GOL F . -4.50 19.22 1.74
H2 GOL F . -3.17 20.95 3.10
HO2 GOL F . -1.78 19.54 1.46
H31 GOL F . -1.21 22.01 2.22
H32 GOL F . -2.43 22.82 1.77
C1 GOL G . 5.82 -9.99 14.05
O1 GOL G . 5.24 -9.11 14.96
C2 GOL G . 6.30 -9.14 12.83
O2 GOL G . 5.97 -7.77 12.96
C3 GOL G . 7.89 -9.40 12.70
O3 GOL G . 8.62 -9.00 13.89
H11 GOL G . 5.20 -10.67 13.74
H12 GOL G . 6.57 -10.47 14.42
H2 GOL G . 5.87 -9.44 12.02
HO2 GOL G . 6.20 -7.37 12.25
H31 GOL G . 8.19 -8.93 11.91
H32 GOL G . 8.00 -10.35 12.50
HO3 GOL G . 9.31 -8.58 13.63
C1 GOL H . -17.44 -17.07 13.25
O1 GOL H . -16.07 -16.74 12.88
C2 GOL H . -18.49 -16.41 12.21
O2 GOL H . -18.25 -16.71 10.86
C3 GOL H . -19.91 -16.89 12.65
O3 GOL H . -20.48 -15.94 13.53
H11 GOL H . -17.65 -16.76 14.15
H12 GOL H . -17.59 -18.02 13.26
HO1 GOL H . -15.85 -17.29 12.27
H2 GOL H . -18.41 -15.44 12.27
HO2 GOL H . -18.29 -17.55 10.76
H31 GOL H . -19.82 -17.77 13.07
H32 GOL H . -20.45 -17.04 11.87
HO3 GOL H . -20.08 -15.21 13.40
MG MG I . -2.31 1.70 -1.50
CL CL J . 0.01 -1.53 -12.58
CL CL K . -2.03 -5.19 19.81
#